data_7LYJ
#
_entry.id   7LYJ
#
_cell.length_a   115.465
_cell.length_b   39.477
_cell.length_c   39.398
_cell.angle_alpha   90.000
_cell.angle_beta   98.530
_cell.angle_gamma   90.000
#
_symmetry.space_group_name_H-M   'C 1 2 1'
#
loop_
_entity.id
_entity.type
_entity.pdbx_description
1 polymer 'RNA (66-MER)'
2 non-polymer 'IRIDIUM HEXAMMINE ION'
3 non-polymer 'MAGNESIUM ION'
4 non-polymer 'POTASSIUM ION'
5 water water
#
_entity_poly.entity_id   1
_entity_poly.type   'polyribonucleotide'
_entity_poly.pdbx_seq_one_letter_code
;CGGUGUAAGUGCAGCCCGUCUUACACCGUGCGGCACAGCGGAAACGCUGAUGUCGUAUACAGGGCU
;
_entity_poly.pdbx_strand_id   A
#